data_2V5O
#
_entry.id   2V5O
#
_cell.length_a   138.554
_cell.length_b   69.247
_cell.length_c   98.012
_cell.angle_alpha   90.00
_cell.angle_beta   103.25
_cell.angle_gamma   90.00
#
_symmetry.space_group_name_H-M   'C 1 2 1'
#
loop_
_entity.id
_entity.type
_entity.pdbx_description
1 polymer 'CATION-INDEPENDENT MANNOSE-6-PHOSPHATE RECEPTOR'
2 non-polymer 2-acetamido-2-deoxy-beta-D-glucopyranose
3 non-polymer 'CHLORIDE ION'
#
_entity_poly.entity_id   1
_entity_poly.type   'polypeptide(L)'
_entity_poly.pdbx_seq_one_letter_code
;MKSNEHDDCQVTNPSTGHLFDLSSLSGRAGFTAAYSEKGLVYMSICGENENCPPGVGACFGQTRISVGKANKRLRYVDQV
LQLVYKDGSPCPSKSGLSYKSVISFVCRPEAGPTNRPMLISLDKQTCTLFFSWHTPLACEQATECSVRNGSSIVDLSPLI
HRTGGYEAYDESEDDASDTNPDFYINICQPLNPMHAVPCPAGAAVCKVPIDGPPIDIGRVAGPPILNPIANEIYLNFESS
TPCLADKHFNYTSLIAFHCKRGVSMGTPKLLRTSECDFVFEWETPVVCPDEVRMDGCTLTDEQLLYSFNLSSLSTSTFKV
TRDSRTYSVGVCTFAVGPEQGGCKDGGVCLLSGTKGASFGRLQSMKLDYRHQDEAVVLSYVNGDRCPPETDDGVPCVFPF
IFNGKSYEECIIESRAKLWCSTTADYDRDHEWGFCRHSNSYRTSSIIFKCDEDEDIGRPQVFSEVRGCDVTFEWKTKVVC
PPKKLECKFVQKHKTYDLRLLSSLTGSWSLVHNGVSYYINLCQKIYKGPLGCSERASICRRTTTGDVQVLGLVHTQKLGV
IGDKVVVTYSKGYPCGGNKTASSVIELTCTKTVGRPAFKRFDIDSCTYYFSWDSRAACAVKHHHHHH
;
_entity_poly.pdbx_strand_id   A
#
loop_
_chem_comp.id
_chem_comp.type
_chem_comp.name
_chem_comp.formula
CL non-polymer 'CHLORIDE ION' 'Cl -1'
NAG D-saccharide, beta linking 2-acetamido-2-deoxy-beta-D-glucopyranose 'C8 H15 N O6'
#
# COMPACT_ATOMS: atom_id res chain seq x y z
N CYS A 9 -4.05 14.85 -42.15
CA CYS A 9 -3.78 14.83 -40.68
C CYS A 9 -4.23 13.51 -40.05
N GLN A 10 -4.08 12.43 -40.81
CA GLN A 10 -4.56 11.12 -40.39
C GLN A 10 -3.68 9.98 -40.92
N VAL A 11 -3.64 8.89 -40.15
CA VAL A 11 -2.94 7.67 -40.56
C VAL A 11 -3.77 6.44 -40.15
N THR A 12 -3.54 5.31 -40.83
CA THR A 12 -4.20 4.05 -40.47
C THR A 12 -3.19 2.92 -40.21
N ASN A 13 -3.71 1.74 -39.86
CA ASN A 13 -2.89 0.60 -39.49
C ASN A 13 -2.67 -0.39 -40.64
N PRO A 14 -1.40 -0.71 -40.96
CA PRO A 14 -1.06 -1.66 -42.01
C PRO A 14 -1.60 -3.08 -41.79
N SER A 15 -1.90 -3.44 -40.54
CA SER A 15 -2.35 -4.79 -40.21
C SER A 15 -3.82 -4.92 -39.82
N THR A 16 -4.41 -3.84 -39.29
CA THR A 16 -5.83 -3.87 -38.90
C THR A 16 -6.68 -2.88 -39.70
N GLY A 17 -6.06 -1.78 -40.12
CA GLY A 17 -6.78 -0.74 -40.86
C GLY A 17 -7.68 0.09 -39.97
N HIS A 18 -7.24 0.32 -38.74
CA HIS A 18 -8.00 1.15 -37.79
C HIS A 18 -7.73 2.63 -38.03
N LEU A 19 -8.77 3.43 -37.82
CA LEU A 19 -8.73 4.87 -38.07
C LEU A 19 -8.12 5.64 -36.91
N PHE A 20 -7.19 6.55 -37.23
CA PHE A 20 -6.65 7.51 -36.25
C PHE A 20 -6.82 8.93 -36.77
N ASP A 21 -7.39 9.80 -35.93
CA ASP A 21 -7.66 11.18 -36.32
C ASP A 21 -7.16 12.17 -35.27
N LEU A 22 -6.32 13.10 -35.71
CA LEU A 22 -5.77 14.13 -34.82
C LEU A 22 -6.28 15.53 -35.16
N SER A 23 -7.50 15.61 -35.69
CA SER A 23 -8.14 16.87 -36.01
C SER A 23 -8.42 17.68 -34.73
N SER A 24 -8.80 16.99 -33.65
CA SER A 24 -9.08 17.65 -32.38
C SER A 24 -7.89 18.43 -31.84
N LEU A 25 -6.69 18.14 -32.38
CA LEU A 25 -5.46 18.77 -31.93
C LEU A 25 -4.94 19.85 -32.89
N SER A 26 -5.55 19.94 -34.08
CA SER A 26 -5.04 20.79 -35.16
C SER A 26 -5.34 22.28 -34.98
N GLY A 27 -4.99 22.83 -33.82
CA GLY A 27 -5.19 24.24 -33.54
C GLY A 27 -4.21 25.14 -34.28
N ARG A 28 -4.65 26.36 -34.57
CA ARG A 28 -3.74 27.38 -35.07
C ARG A 28 -3.04 28.04 -33.88
N ALA A 29 -3.78 28.16 -32.76
CA ALA A 29 -3.21 28.63 -31.49
C ALA A 29 -2.19 27.63 -30.94
N GLY A 30 -2.42 26.35 -31.22
CA GLY A 30 -1.47 25.29 -30.90
C GLY A 30 -1.19 25.11 -29.42
N PHE A 31 0.04 24.72 -29.11
CA PHE A 31 0.44 24.34 -27.76
C PHE A 31 1.87 24.76 -27.43
N THR A 32 2.27 24.51 -26.19
CA THR A 32 3.60 24.85 -25.69
C THR A 32 4.24 23.65 -25.00
N ALA A 33 5.47 23.37 -25.39
CA ALA A 33 6.31 22.39 -24.72
C ALA A 33 7.52 23.12 -24.14
N ALA A 34 8.10 22.58 -23.08
CA ALA A 34 9.26 23.21 -22.44
C ALA A 34 10.56 22.46 -22.77
N TYR A 35 11.65 23.22 -22.79
CA TYR A 35 13.01 22.69 -22.83
C TYR A 35 13.82 23.57 -21.90
N SER A 36 14.84 23.02 -21.27
CA SER A 36 15.54 23.70 -20.17
C SER A 36 14.54 24.28 -19.14
N GLU A 37 14.94 25.34 -18.43
CA GLU A 37 14.11 25.88 -17.35
C GLU A 37 13.05 26.86 -17.83
N LYS A 38 13.49 28.00 -18.37
CA LYS A 38 12.59 29.04 -18.85
C LYS A 38 12.51 29.07 -20.39
N GLY A 39 13.11 28.06 -21.03
CA GLY A 39 13.00 27.89 -22.49
C GLY A 39 11.65 27.29 -22.86
N LEU A 40 11.15 27.67 -24.03
CA LEU A 40 9.82 27.24 -24.49
C LEU A 40 9.84 26.88 -25.98
N VAL A 41 8.92 26.00 -26.39
CA VAL A 41 8.75 25.66 -27.80
C VAL A 41 7.26 25.76 -28.14
N TYR A 42 6.93 26.60 -29.11
CA TYR A 42 5.55 26.74 -29.54
C TYR A 42 5.31 25.83 -30.73
N MET A 43 4.22 25.07 -30.70
CA MET A 43 3.94 24.12 -31.78
C MET A 43 2.45 23.91 -32.07
N SER A 44 2.13 23.76 -33.36
CA SER A 44 0.78 23.37 -33.80
C SER A 44 0.79 21.97 -34.39
N ILE A 45 -0.39 21.36 -34.44
CA ILE A 45 -0.57 20.02 -35.00
C ILE A 45 -1.18 20.10 -36.40
N CYS A 46 -0.55 19.45 -37.37
CA CYS A 46 -0.99 19.45 -38.78
C CYS A 46 -1.23 20.86 -39.32
N GLY A 47 -0.29 21.76 -39.05
CA GLY A 47 -0.41 23.17 -39.47
C GLY A 47 0.60 24.07 -38.79
N GLU A 48 0.76 25.28 -39.32
CA GLU A 48 1.73 26.24 -38.79
C GLU A 48 1.22 26.92 -37.51
N ASN A 49 2.12 27.09 -36.54
CA ASN A 49 1.78 27.73 -35.27
C ASN A 49 1.86 29.25 -35.35
N GLU A 50 0.81 29.92 -34.87
CA GLU A 50 0.69 31.37 -35.03
C GLU A 50 1.81 32.18 -34.36
N ASN A 51 2.56 31.54 -33.48
CA ASN A 51 3.68 32.17 -32.79
C ASN A 51 5.02 32.04 -33.54
N CYS A 52 5.00 31.27 -34.63
CA CYS A 52 6.18 31.06 -35.47
C CYS A 52 6.03 31.79 -36.82
N PRO A 53 7.15 31.96 -37.59
CA PRO A 53 7.06 32.49 -38.95
C PRO A 53 6.13 31.64 -39.86
N PRO A 54 5.48 32.28 -40.85
CA PRO A 54 4.53 31.58 -41.73
C PRO A 54 5.11 30.34 -42.41
N GLY A 55 4.54 29.19 -42.10
CA GLY A 55 4.96 27.91 -42.68
C GLY A 55 5.83 27.07 -41.77
N VAL A 56 5.69 27.27 -40.46
CA VAL A 56 6.51 26.57 -39.46
C VAL A 56 5.64 25.98 -38.34
N GLY A 57 5.80 24.68 -38.12
CA GLY A 57 5.03 23.97 -37.09
C GLY A 57 5.45 24.28 -35.67
N ALA A 58 6.76 24.33 -35.45
CA ALA A 58 7.30 24.60 -34.12
C ALA A 58 8.58 25.43 -34.18
N CYS A 59 8.77 26.27 -33.16
CA CYS A 59 9.92 27.17 -33.11
C CYS A 59 10.40 27.40 -31.67
N PHE A 60 11.64 27.86 -31.53
CA PHE A 60 12.21 28.20 -30.22
C PHE A 60 11.50 29.39 -29.57
N GLY A 61 11.55 29.44 -28.24
CA GLY A 61 10.75 30.37 -27.43
C GLY A 61 10.82 31.84 -27.79
N GLN A 62 11.70 32.57 -27.11
CA GLN A 62 11.85 34.00 -27.30
C GLN A 62 12.37 34.35 -28.70
N THR A 63 13.12 33.43 -29.31
CA THR A 63 13.82 33.72 -30.57
C THR A 63 13.38 32.90 -31.79
N ARG A 64 12.07 32.84 -32.03
CA ARG A 64 11.50 32.18 -33.23
C ARG A 64 12.51 31.47 -34.13
N ILE A 65 12.98 30.30 -33.70
CA ILE A 65 13.88 29.49 -34.51
C ILE A 65 13.13 28.23 -34.98
N SER A 66 12.92 28.15 -36.30
CA SER A 66 12.19 27.04 -36.92
C SER A 66 12.86 25.69 -36.65
N VAL A 67 12.24 24.90 -35.78
CA VAL A 67 12.71 23.55 -35.48
C VAL A 67 12.05 22.54 -36.42
N GLY A 68 11.36 23.06 -37.44
CA GLY A 68 10.72 22.24 -38.45
C GLY A 68 9.52 22.92 -39.08
N LYS A 69 9.39 22.76 -40.40
CA LYS A 69 8.24 23.27 -41.14
C LYS A 69 7.09 22.27 -41.06
N ALA A 70 5.89 22.78 -40.78
CA ALA A 70 4.69 21.97 -40.58
C ALA A 70 4.25 21.15 -41.80
N ASN A 71 3.61 20.01 -41.53
CA ASN A 71 3.04 19.14 -42.57
C ASN A 71 1.97 18.16 -42.03
N LYS A 72 1.40 17.37 -42.93
CA LYS A 72 0.41 16.35 -42.57
C LYS A 72 0.98 14.93 -42.66
N ARG A 73 2.26 14.82 -43.04
CA ARG A 73 2.95 13.54 -43.24
C ARG A 73 3.06 12.75 -41.94
N LEU A 74 2.05 11.91 -41.68
CA LEU A 74 1.94 11.19 -40.40
C LEU A 74 2.23 9.70 -40.55
N ARG A 75 3.43 9.29 -40.13
CA ARG A 75 3.84 7.89 -40.21
C ARG A 75 3.37 7.08 -39.00
N TYR A 76 2.94 5.84 -39.26
CA TYR A 76 2.65 4.90 -38.19
C TYR A 76 3.86 4.00 -37.96
N VAL A 77 4.44 4.11 -36.76
CA VAL A 77 5.59 3.27 -36.39
C VAL A 77 5.34 2.52 -35.07
N ASP A 78 5.05 1.23 -35.20
CA ASP A 78 4.81 0.33 -34.05
C ASP A 78 3.97 0.95 -32.94
N GLN A 79 2.65 0.95 -33.13
CA GLN A 79 1.67 1.50 -32.17
C GLN A 79 1.78 3.02 -31.94
N VAL A 80 2.76 3.68 -32.56
CA VAL A 80 3.02 5.11 -32.33
C VAL A 80 2.76 5.95 -33.59
N LEU A 81 1.93 6.97 -33.44
CA LEU A 81 1.71 7.95 -34.51
C LEU A 81 2.85 8.96 -34.50
N GLN A 82 3.62 8.99 -35.57
CA GLN A 82 4.79 9.85 -35.64
C GLN A 82 4.66 10.91 -36.74
N LEU A 83 4.90 12.15 -36.36
CA LEU A 83 5.02 13.26 -37.30
C LEU A 83 6.49 13.67 -37.40
N VAL A 84 6.86 14.22 -38.56
CA VAL A 84 8.20 14.75 -38.77
C VAL A 84 8.08 16.15 -39.37
N TYR A 85 8.64 17.14 -38.68
CA TYR A 85 8.68 18.50 -39.19
C TYR A 85 10.06 18.80 -39.77
N LYS A 86 10.11 18.88 -41.09
CA LYS A 86 11.37 18.94 -41.85
C LYS A 86 11.78 20.36 -42.20
N ASP A 87 12.98 20.50 -42.77
CA ASP A 87 13.49 21.75 -43.33
C ASP A 87 13.33 22.97 -42.43
N GLY A 88 13.77 22.84 -41.19
CA GLY A 88 13.77 23.97 -40.25
C GLY A 88 14.94 24.90 -40.55
N SER A 89 15.23 25.80 -39.61
CA SER A 89 16.32 26.74 -39.76
C SER A 89 17.68 26.04 -39.73
N PRO A 90 18.73 26.70 -40.26
CA PRO A 90 20.11 26.19 -40.20
C PRO A 90 20.49 25.60 -38.84
N CYS A 91 21.29 24.54 -38.88
CA CYS A 91 21.76 23.86 -37.68
C CYS A 91 23.25 24.15 -37.43
N PRO A 92 23.63 24.42 -36.16
CA PRO A 92 25.01 24.70 -35.75
C PRO A 92 26.07 23.71 -36.24
N SER A 93 25.66 22.48 -36.56
CA SER A 93 26.59 21.42 -36.96
C SER A 93 27.30 21.70 -38.29
N LYS A 94 26.54 21.67 -39.39
CA LYS A 94 27.10 21.95 -40.71
C LYS A 94 26.18 22.84 -41.55
N SER A 95 26.72 23.41 -42.62
CA SER A 95 25.98 24.28 -43.53
C SER A 95 24.83 23.54 -44.21
N GLY A 96 23.72 24.25 -44.38
CA GLY A 96 22.55 23.71 -45.09
C GLY A 96 21.79 22.63 -44.36
N LEU A 97 22.34 22.14 -43.25
CA LEU A 97 21.67 21.13 -42.43
C LEU A 97 20.50 21.77 -41.69
N SER A 98 19.31 21.21 -41.91
CA SER A 98 18.08 21.74 -41.35
C SER A 98 17.75 21.12 -40.00
N TYR A 99 17.17 21.93 -39.11
CA TYR A 99 16.56 21.42 -37.89
C TYR A 99 15.35 20.58 -38.25
N LYS A 100 15.14 19.48 -37.51
CA LYS A 100 13.97 18.64 -37.71
C LYS A 100 13.40 18.15 -36.38
N SER A 101 12.08 18.05 -36.29
CA SER A 101 11.40 17.60 -35.08
C SER A 101 10.66 16.29 -35.30
N VAL A 102 10.70 15.41 -34.30
CA VAL A 102 9.90 14.18 -34.32
C VAL A 102 8.84 14.16 -33.22
N ILE A 103 7.68 14.72 -33.54
CA ILE A 103 6.53 14.65 -32.65
C ILE A 103 5.93 13.27 -32.79
N SER A 104 5.95 12.52 -31.69
CA SER A 104 5.45 11.16 -31.68
C SER A 104 4.33 11.06 -30.66
N PHE A 105 3.29 10.32 -31.01
CA PHE A 105 2.11 10.19 -30.16
C PHE A 105 1.99 8.79 -29.57
N VAL A 106 2.14 8.71 -28.25
CA VAL A 106 2.02 7.44 -27.52
C VAL A 106 0.62 7.32 -26.95
N CYS A 107 0.11 6.10 -26.89
CA CYS A 107 -1.24 5.84 -26.38
C CYS A 107 -1.32 5.93 -24.85
N ARG A 108 -2.45 6.42 -24.37
CA ARG A 108 -2.79 6.44 -22.95
C ARG A 108 -4.30 6.60 -22.82
N PRO A 109 -4.99 5.57 -22.28
CA PRO A 109 -6.45 5.57 -22.20
C PRO A 109 -7.02 6.69 -21.32
N GLU A 110 -6.44 6.84 -20.12
CA GLU A 110 -6.78 7.92 -19.20
C GLU A 110 -6.47 9.27 -19.88
N ALA A 111 -7.39 10.22 -19.75
CA ALA A 111 -7.12 11.61 -20.13
C ALA A 111 -6.17 12.24 -19.09
N GLY A 112 -6.61 13.32 -18.44
CA GLY A 112 -5.78 13.97 -17.43
C GLY A 112 -4.91 15.10 -17.96
N PRO A 113 -4.44 15.98 -17.06
CA PRO A 113 -3.74 17.22 -17.42
C PRO A 113 -2.32 17.06 -17.97
N THR A 114 -1.77 15.85 -17.94
CA THR A 114 -0.40 15.64 -18.46
C THR A 114 -0.40 15.09 -19.88
N ASN A 115 -1.55 15.11 -20.54
CA ASN A 115 -1.67 14.79 -21.95
C ASN A 115 -1.19 15.97 -22.80
N ARG A 116 0.12 16.20 -22.80
CA ARG A 116 0.72 17.36 -23.44
C ARG A 116 2.10 17.01 -24.04
N PRO A 117 2.52 17.73 -25.10
CA PRO A 117 3.78 17.44 -25.77
C PRO A 117 5.01 17.82 -24.93
N MET A 118 6.10 17.07 -25.12
CA MET A 118 7.33 17.29 -24.36
C MET A 118 8.57 16.85 -25.13
N LEU A 119 9.64 17.63 -24.98
CA LEU A 119 10.98 17.22 -25.44
C LEU A 119 11.46 16.11 -24.51
N ILE A 120 11.62 14.91 -25.07
CA ILE A 120 12.13 13.78 -24.29
C ILE A 120 13.66 13.73 -24.28
N SER A 121 14.27 14.22 -25.37
CA SER A 121 15.73 14.31 -25.52
C SER A 121 16.10 15.11 -26.77
N LEU A 122 17.33 15.62 -26.81
CA LEU A 122 17.80 16.43 -27.93
C LEU A 122 19.16 15.98 -28.46
N ASP A 123 19.16 15.43 -29.68
CA ASP A 123 20.41 15.09 -30.36
C ASP A 123 21.00 16.36 -30.96
N LYS A 124 22.20 16.70 -30.51
CA LYS A 124 22.87 17.92 -30.91
C LYS A 124 23.69 17.72 -32.18
N GLN A 125 24.05 16.48 -32.44
CA GLN A 125 24.87 16.11 -33.61
C GLN A 125 24.09 16.25 -34.92
N THR A 126 22.89 15.69 -34.94
CA THR A 126 22.07 15.65 -36.14
C THR A 126 20.88 16.62 -36.09
N CYS A 127 20.88 17.49 -35.08
CA CYS A 127 19.83 18.51 -34.88
C CYS A 127 18.41 17.93 -34.96
N THR A 128 18.15 16.92 -34.15
CA THR A 128 16.85 16.26 -34.10
C THR A 128 16.20 16.43 -32.73
N LEU A 129 15.05 17.10 -32.71
CA LEU A 129 14.26 17.29 -31.50
C LEU A 129 13.30 16.13 -31.32
N PHE A 130 13.42 15.44 -30.20
CA PHE A 130 12.57 14.29 -29.90
C PHE A 130 11.41 14.64 -29.00
N PHE A 131 10.21 14.58 -29.55
CA PHE A 131 9.01 14.90 -28.80
C PHE A 131 8.16 13.67 -28.53
N SER A 132 7.41 13.74 -27.43
CA SER A 132 6.40 12.73 -27.12
C SER A 132 5.15 13.40 -26.58
N TRP A 133 4.01 12.93 -27.08
CA TRP A 133 2.70 13.37 -26.64
C TRP A 133 1.91 12.12 -26.28
N HIS A 134 1.29 12.13 -25.11
CA HIS A 134 0.52 10.96 -24.67
C HIS A 134 -0.99 11.20 -24.70
N THR A 135 -1.66 10.48 -25.61
CA THR A 135 -3.07 10.71 -25.91
C THR A 135 -3.90 9.44 -25.89
N PRO A 136 -5.15 9.54 -25.40
CA PRO A 136 -6.14 8.50 -25.64
C PRO A 136 -6.52 8.46 -27.12
N LEU A 137 -6.35 9.59 -27.82
CA LEU A 137 -6.66 9.70 -29.24
C LEU A 137 -5.82 8.76 -30.09
N ALA A 138 -4.67 8.33 -29.55
CA ALA A 138 -3.75 7.44 -30.24
C ALA A 138 -3.91 5.96 -29.87
N CYS A 139 -4.98 5.64 -29.14
CA CYS A 139 -5.20 4.26 -28.69
C CYS A 139 -6.11 3.48 -29.64
N GLU A 140 -5.76 2.21 -29.84
CA GLU A 140 -6.43 1.35 -30.83
C GLU A 140 -7.35 0.32 -30.18
N GLN A 141 -6.85 -0.38 -29.16
CA GLN A 141 -7.66 -1.34 -28.40
C GLN A 141 -7.78 -0.89 -26.94
N ALA A 142 -8.14 -1.84 -26.07
CA ALA A 142 -8.24 -1.56 -24.64
C ALA A 142 -6.94 -1.93 -23.92
N THR A 143 -6.78 -1.43 -22.69
CA THR A 143 -5.65 -1.81 -21.84
C THR A 143 -5.88 -3.22 -21.28
N GLU A 144 -5.09 -4.18 -21.76
CA GLU A 144 -5.25 -5.58 -21.37
C GLU A 144 -4.24 -5.95 -20.29
N CYS A 145 -4.56 -5.59 -19.05
CA CYS A 145 -3.66 -5.86 -17.93
C CYS A 145 -4.27 -6.90 -16.97
N SER A 146 -4.96 -7.88 -17.54
CA SER A 146 -5.62 -8.92 -16.76
C SER A 146 -5.78 -10.21 -17.55
N VAL A 147 -5.70 -11.35 -16.84
CA VAL A 147 -5.97 -12.66 -17.44
C VAL A 147 -6.87 -13.49 -16.53
N ARG A 148 -7.85 -14.15 -17.15
CA ARG A 148 -8.86 -14.93 -16.43
C ARG A 148 -8.23 -16.16 -15.75
N ASN A 149 -8.61 -16.40 -14.51
CA ASN A 149 -8.17 -17.59 -13.76
C ASN A 149 -9.38 -18.34 -13.18
N GLY A 150 -9.69 -19.49 -13.78
CA GLY A 150 -10.88 -20.24 -13.38
C GLY A 150 -12.09 -19.36 -13.45
N SER A 151 -12.63 -18.98 -12.30
CA SER A 151 -13.85 -18.17 -12.23
C SER A 151 -13.59 -16.67 -12.01
N SER A 152 -12.44 -16.33 -11.45
CA SER A 152 -12.13 -14.91 -11.20
C SER A 152 -10.85 -14.43 -11.90
N ILE A 153 -10.90 -13.18 -12.34
CA ILE A 153 -9.83 -12.61 -13.15
C ILE A 153 -8.65 -12.19 -12.28
N VAL A 154 -7.43 -12.32 -12.82
CA VAL A 154 -6.23 -11.80 -12.16
C VAL A 154 -5.76 -10.56 -12.92
N ASP A 155 -5.57 -9.46 -12.19
CA ASP A 155 -5.48 -8.13 -12.80
C ASP A 155 -4.27 -7.33 -12.35
N LEU A 156 -3.38 -7.04 -13.31
CA LEU A 156 -2.13 -6.35 -13.04
C LEU A 156 -2.22 -4.83 -13.10
N SER A 157 -3.41 -4.33 -13.42
CA SER A 157 -3.66 -2.91 -13.66
C SER A 157 -3.12 -1.92 -12.63
N PRO A 158 -3.13 -2.26 -11.33
CA PRO A 158 -2.64 -1.26 -10.38
C PRO A 158 -1.13 -1.07 -10.42
N LEU A 159 -0.42 -2.03 -11.01
CA LEU A 159 1.03 -1.94 -11.14
C LEU A 159 1.45 -1.01 -12.26
N ILE A 160 0.54 -0.76 -13.19
CA ILE A 160 0.76 0.19 -14.27
C ILE A 160 1.31 1.49 -13.70
N HIS A 161 2.50 1.87 -14.16
CA HIS A 161 3.12 3.14 -13.82
C HIS A 161 2.49 4.22 -14.69
N ARG A 162 2.13 5.35 -14.08
CA ARG A 162 1.36 6.38 -14.79
C ARG A 162 2.01 7.77 -14.80
N THR A 163 3.26 7.85 -14.32
CA THR A 163 3.98 9.12 -14.22
C THR A 163 5.41 9.04 -14.78
N GLY A 164 5.93 7.82 -14.87
CA GLY A 164 7.30 7.56 -15.27
C GLY A 164 7.49 6.08 -15.49
N GLY A 165 8.35 5.45 -14.70
CA GLY A 165 8.62 4.02 -14.84
C GLY A 165 9.41 3.39 -13.71
N TYR A 166 9.28 2.07 -13.59
CA TYR A 166 10.04 1.31 -12.60
C TYR A 166 11.51 1.22 -13.02
N GLU A 167 12.42 1.45 -12.07
CA GLU A 167 13.85 1.39 -12.31
C GLU A 167 14.44 0.06 -11.83
N ALA A 168 15.08 -0.68 -12.72
CA ALA A 168 15.66 -1.99 -12.36
C ALA A 168 17.06 -1.88 -11.74
N TYR A 169 17.27 -2.74 -10.73
CA TYR A 169 18.42 -2.70 -9.81
C TYR A 169 19.80 -2.69 -10.49
N ASP A 170 20.75 -2.02 -9.83
CA ASP A 170 22.16 -2.01 -10.23
C ASP A 170 22.83 -3.32 -9.77
N GLU A 171 22.99 -4.23 -10.73
CA GLU A 171 23.36 -5.64 -10.48
C GLU A 171 24.80 -5.86 -9.96
N SER A 172 25.69 -6.34 -10.85
CA SER A 172 27.09 -6.58 -10.51
C SER A 172 27.96 -5.42 -10.97
N THR A 179 24.92 7.21 -7.53
CA THR A 179 23.64 6.62 -7.90
C THR A 179 23.32 6.84 -9.38
N ASN A 180 23.42 5.76 -10.16
CA ASN A 180 23.19 5.82 -11.61
C ASN A 180 22.11 4.84 -12.05
N PRO A 181 21.22 5.27 -12.97
CA PRO A 181 20.13 4.44 -13.52
C PRO A 181 20.59 3.31 -14.44
N ASP A 182 19.69 2.37 -14.76
CA ASP A 182 20.02 1.25 -15.65
C ASP A 182 18.89 0.83 -16.60
N PHE A 183 17.86 0.17 -16.07
CA PHE A 183 16.70 -0.27 -16.87
C PHE A 183 15.42 0.48 -16.50
N TYR A 184 14.45 0.48 -17.40
CA TYR A 184 13.16 1.13 -17.15
C TYR A 184 11.97 0.31 -17.64
N ILE A 185 10.90 0.29 -16.84
CA ILE A 185 9.80 -0.66 -17.04
C ILE A 185 8.41 -0.09 -16.72
N ASN A 186 7.47 -0.36 -17.64
CA ASN A 186 6.03 -0.29 -17.40
C ASN A 186 5.40 -1.51 -18.04
N ILE A 187 4.17 -1.85 -17.68
CA ILE A 187 3.65 -3.15 -18.12
C ILE A 187 2.58 -3.20 -19.22
N CYS A 188 1.45 -2.52 -19.04
CA CYS A 188 0.39 -2.69 -20.03
C CYS A 188 0.15 -1.45 -20.87
N GLN A 189 0.66 -0.33 -20.38
CA GLN A 189 0.76 0.90 -21.14
C GLN A 189 2.25 1.09 -21.35
N PRO A 190 2.64 1.85 -22.39
CA PRO A 190 4.08 2.07 -22.60
C PRO A 190 4.68 3.00 -21.54
N LEU A 191 6.01 3.06 -21.51
CA LEU A 191 6.75 3.98 -20.65
C LEU A 191 6.29 5.43 -20.82
N ASN A 192 6.15 6.12 -19.70
CA ASN A 192 5.81 7.54 -19.70
C ASN A 192 7.05 8.38 -19.95
N PRO A 193 6.86 9.65 -20.40
CA PRO A 193 8.01 10.54 -20.58
C PRO A 193 8.81 10.67 -19.29
N MET A 194 10.15 10.69 -19.43
CA MET A 194 11.03 10.77 -18.26
C MET A 194 12.13 11.83 -18.41
N HIS A 195 12.33 12.59 -17.33
CA HIS A 195 13.32 13.67 -17.30
C HIS A 195 14.71 13.15 -17.62
N ALA A 196 15.30 13.69 -18.69
CA ALA A 196 16.66 13.37 -19.14
C ALA A 196 16.93 11.88 -19.32
N VAL A 197 15.86 11.12 -19.59
CA VAL A 197 16.00 9.71 -19.97
C VAL A 197 15.50 9.54 -21.41
N PRO A 198 16.43 9.46 -22.37
CA PRO A 198 16.10 9.39 -23.79
C PRO A 198 15.54 8.02 -24.25
N CYS A 199 14.54 7.51 -23.54
CA CYS A 199 13.89 6.25 -23.93
C CYS A 199 12.98 6.48 -25.14
N PRO A 200 13.16 5.69 -26.21
CA PRO A 200 12.37 5.82 -27.44
C PRO A 200 10.87 5.72 -27.19
N ALA A 201 10.11 6.58 -27.88
CA ALA A 201 8.67 6.68 -27.71
C ALA A 201 7.95 5.36 -27.93
N GLY A 202 7.00 5.06 -27.05
CA GLY A 202 6.18 3.86 -27.17
C GLY A 202 6.80 2.61 -26.56
N ALA A 203 8.08 2.70 -26.16
CA ALA A 203 8.78 1.60 -25.50
C ALA A 203 8.15 1.23 -24.15
N ALA A 204 8.11 -0.07 -23.90
CA ALA A 204 7.59 -0.60 -22.64
C ALA A 204 8.74 -0.93 -21.69
N VAL A 205 9.83 -1.46 -22.25
CA VAL A 205 11.02 -1.81 -21.49
C VAL A 205 12.26 -1.15 -22.13
N CYS A 206 12.99 -0.39 -21.32
CA CYS A 206 14.10 0.45 -21.81
C CYS A 206 15.42 0.16 -21.10
N LYS A 207 16.51 0.22 -21.86
CA LYS A 207 17.85 -0.01 -21.30
C LYS A 207 18.72 1.22 -21.52
N VAL A 208 19.22 1.78 -20.42
CA VAL A 208 20.13 2.93 -20.46
C VAL A 208 21.56 2.49 -20.16
N PRO A 209 22.42 2.49 -21.20
CA PRO A 209 23.81 2.23 -20.95
C PRO A 209 24.58 3.52 -20.73
N ILE A 210 25.41 3.57 -19.69
CA ILE A 210 26.41 4.62 -19.58
C ILE A 210 27.37 4.38 -20.73
N ASP A 211 27.47 5.36 -21.61
CA ASP A 211 28.05 5.21 -22.95
C ASP A 211 27.06 4.52 -23.89
N GLY A 212 26.33 5.32 -24.67
CA GLY A 212 25.34 4.82 -25.60
C GLY A 212 23.96 5.44 -25.43
N PRO A 213 23.33 5.83 -26.55
CA PRO A 213 21.94 6.28 -26.52
C PRO A 213 21.00 5.13 -26.17
N PRO A 214 20.08 5.36 -25.22
CA PRO A 214 19.18 4.33 -24.71
C PRO A 214 18.52 3.49 -25.79
N ILE A 215 18.59 2.17 -25.62
CA ILE A 215 18.11 1.19 -26.61
C ILE A 215 16.77 0.57 -26.19
N ASP A 216 15.86 0.50 -27.15
CA ASP A 216 14.53 -0.11 -26.96
C ASP A 216 14.68 -1.63 -26.91
N ILE A 217 14.21 -2.24 -25.82
CA ILE A 217 14.31 -3.69 -25.65
C ILE A 217 12.96 -4.40 -25.43
N GLY A 218 11.92 -3.63 -25.12
CA GLY A 218 10.60 -4.21 -24.86
C GLY A 218 9.42 -3.34 -25.29
N ARG A 219 8.46 -3.97 -25.96
CA ARG A 219 7.24 -3.29 -26.39
C ARG A 219 6.01 -4.14 -26.03
N VAL A 220 5.06 -3.53 -25.31
CA VAL A 220 3.89 -4.24 -24.78
C VAL A 220 3.18 -5.09 -25.86
N ALA A 221 3.45 -6.39 -25.82
CA ALA A 221 2.97 -7.33 -26.83
C ALA A 221 1.51 -7.67 -26.59
N GLY A 222 1.27 -8.80 -25.93
CA GLY A 222 -0.09 -9.24 -25.65
C GLY A 222 -0.49 -9.05 -24.20
N PRO A 223 -1.64 -9.64 -23.82
CA PRO A 223 -2.09 -9.65 -22.43
C PRO A 223 -1.25 -10.63 -21.61
N PRO A 224 -1.29 -10.54 -20.26
CA PRO A 224 -0.59 -11.50 -19.42
C PRO A 224 -1.04 -12.93 -19.69
N ILE A 225 -0.10 -13.86 -19.66
CA ILE A 225 -0.39 -15.27 -19.93
C ILE A 225 -0.37 -16.06 -18.63
N LEU A 226 -1.22 -17.09 -18.56
CA LEU A 226 -1.43 -17.82 -17.33
C LEU A 226 -0.87 -19.23 -17.37
N ASN A 227 -0.09 -19.56 -16.36
CA ASN A 227 0.38 -20.95 -16.18
C ASN A 227 -0.66 -21.75 -15.40
N PRO A 228 -1.29 -22.74 -16.05
CA PRO A 228 -2.35 -23.50 -15.40
C PRO A 228 -1.88 -24.52 -14.36
N ILE A 229 -0.57 -24.66 -14.19
CA ILE A 229 0.00 -25.63 -13.24
C ILE A 229 0.32 -24.93 -11.90
N ALA A 230 1.51 -25.15 -11.35
CA ALA A 230 1.99 -24.40 -10.18
C ALA A 230 2.11 -22.93 -10.59
N ASN A 231 1.01 -22.21 -10.44
CA ASN A 231 0.75 -21.01 -11.23
C ASN A 231 1.52 -19.73 -10.89
N GLU A 232 2.11 -19.15 -11.95
CA GLU A 232 2.69 -17.82 -11.93
C GLU A 232 2.07 -17.02 -13.09
N ILE A 233 2.56 -15.81 -13.34
CA ILE A 233 2.08 -15.01 -14.46
C ILE A 233 3.24 -14.40 -15.24
N TYR A 234 3.22 -14.57 -16.56
CA TYR A 234 4.24 -14.00 -17.43
C TYR A 234 3.72 -12.78 -18.19
N LEU A 235 4.61 -12.20 -19.00
CA LEU A 235 4.31 -11.01 -19.77
C LEU A 235 5.39 -10.83 -20.84
N ASN A 236 5.02 -11.09 -22.09
CA ASN A 236 5.94 -10.93 -23.21
C ASN A 236 6.06 -9.49 -23.69
N PHE A 237 7.27 -9.11 -24.08
CA PHE A 237 7.55 -7.79 -24.65
C PHE A 237 8.43 -7.93 -25.89
N GLU A 238 8.12 -7.13 -26.92
CA GLU A 238 8.80 -7.23 -28.24
C GLU A 238 9.72 -6.03 -28.55
N SER A 239 10.36 -6.08 -29.71
CA SER A 239 11.22 -4.98 -30.16
C SER A 239 11.28 -4.90 -31.69
N SER A 240 11.39 -3.68 -32.19
CA SER A 240 11.66 -3.44 -33.61
C SER A 240 13.17 -3.29 -33.82
N THR A 241 13.89 -3.06 -32.73
CA THR A 241 15.35 -2.90 -32.77
C THR A 241 16.02 -4.29 -32.69
N PRO A 242 17.01 -4.54 -33.58
CA PRO A 242 17.61 -5.87 -33.76
C PRO A 242 18.75 -6.20 -32.78
N CYS A 243 18.89 -7.50 -32.48
CA CYS A 243 19.93 -7.99 -31.57
C CYS A 243 21.31 -8.08 -32.25
N LEU A 244 22.36 -8.14 -31.45
CA LEU A 244 23.73 -8.25 -31.96
C LEU A 244 24.19 -9.68 -32.23
N ALA A 245 23.21 -10.57 -32.49
CA ALA A 245 23.47 -11.96 -32.87
C ALA A 245 22.34 -12.54 -33.73
N ASP A 246 21.22 -11.80 -33.81
CA ASP A 246 20.05 -12.23 -34.57
C ASP A 246 19.46 -11.07 -35.37
N ASN A 250 15.86 -9.28 -33.32
CA ASN A 250 15.00 -8.35 -32.57
C ASN A 250 14.87 -8.74 -31.08
N TYR A 251 15.39 -7.89 -30.21
CA TYR A 251 15.45 -8.14 -28.76
C TYR A 251 14.10 -8.50 -28.14
N THR A 252 14.14 -9.40 -27.16
CA THR A 252 12.94 -9.82 -26.44
C THR A 252 13.04 -9.46 -24.95
N SER A 253 11.90 -9.36 -24.28
CA SER A 253 11.87 -9.01 -22.86
C SER A 253 10.73 -9.72 -22.14
N LEU A 254 11.01 -10.19 -20.93
CA LEU A 254 10.06 -11.01 -20.17
C LEU A 254 10.01 -10.68 -18.68
N ILE A 255 8.80 -10.49 -18.18
CA ILE A 255 8.58 -10.30 -16.75
C ILE A 255 7.80 -11.48 -16.18
N ALA A 256 8.42 -12.21 -15.26
CA ALA A 256 7.74 -13.25 -14.51
C ALA A 256 7.26 -12.68 -13.18
N PHE A 257 6.04 -13.06 -12.78
CA PHE A 257 5.47 -12.59 -11.54
C PHE A 257 5.35 -13.73 -10.54
N HIS A 258 5.99 -13.55 -9.38
CA HIS A 258 5.85 -14.49 -8.27
C HIS A 258 5.08 -13.80 -7.16
N CYS A 259 4.11 -14.51 -6.59
CA CYS A 259 3.23 -13.93 -5.58
C CYS A 259 3.91 -13.79 -4.22
N LYS A 260 3.81 -12.59 -3.65
CA LYS A 260 4.32 -12.30 -2.32
C LYS A 260 3.41 -11.30 -1.62
N ARG A 261 2.83 -11.71 -0.50
CA ARG A 261 1.90 -10.87 0.28
C ARG A 261 2.64 -9.93 1.24
N GLY A 262 2.06 -8.76 1.48
CA GLY A 262 2.68 -7.74 2.32
C GLY A 262 2.39 -6.34 1.80
N VAL A 263 2.94 -5.34 2.48
CA VAL A 263 2.65 -3.94 2.15
C VAL A 263 3.23 -3.51 0.80
N SER A 264 4.42 -3.99 0.48
CA SER A 264 5.11 -3.58 -0.74
C SER A 264 4.54 -4.30 -1.95
N MET A 265 4.10 -3.52 -2.94
CA MET A 265 3.66 -4.07 -4.23
C MET A 265 4.84 -4.52 -5.09
N GLY A 266 6.04 -4.09 -4.70
CA GLY A 266 7.31 -4.64 -5.20
C GLY A 266 7.72 -4.34 -6.63
N THR A 267 8.85 -3.66 -6.78
CA THR A 267 9.42 -3.34 -8.10
C THR A 267 9.98 -4.61 -8.81
N PRO A 268 10.03 -4.60 -10.17
CA PRO A 268 10.72 -5.67 -10.91
C PRO A 268 12.23 -5.65 -10.75
N LYS A 269 12.85 -6.82 -10.86
CA LYS A 269 14.31 -6.95 -10.79
C LYS A 269 14.80 -7.86 -11.92
N LEU A 270 16.05 -7.64 -12.36
CA LEU A 270 16.64 -8.43 -13.43
C LEU A 270 17.10 -9.80 -12.91
N LEU A 271 16.75 -10.86 -13.65
CA LEU A 271 17.14 -12.23 -13.28
C LEU A 271 18.16 -12.83 -14.24
N ARG A 272 17.67 -13.35 -15.38
CA ARG A 272 18.53 -13.93 -16.41
C ARG A 272 18.86 -12.90 -17.48
N THR A 273 19.94 -13.14 -18.21
CA THR A 273 20.43 -12.20 -19.21
C THR A 273 20.63 -12.83 -20.58
N SER A 274 20.44 -14.16 -20.68
CA SER A 274 20.64 -14.94 -21.92
C SER A 274 20.65 -14.02 -23.14
N GLU A 275 21.84 -13.80 -23.70
CA GLU A 275 22.20 -12.53 -24.39
C GLU A 275 21.23 -11.82 -25.36
N CYS A 276 20.59 -12.56 -26.28
CA CYS A 276 19.56 -11.93 -27.13
C CYS A 276 18.18 -11.89 -26.44
N ASP A 277 18.17 -11.96 -25.11
CA ASP A 277 16.94 -12.09 -24.34
C ASP A 277 17.07 -11.50 -22.93
N PHE A 278 16.10 -10.68 -22.55
CA PHE A 278 16.07 -10.06 -21.22
C PHE A 278 14.96 -10.65 -20.37
N VAL A 279 15.30 -11.13 -19.18
CA VAL A 279 14.33 -11.74 -18.27
C VAL A 279 14.31 -11.04 -16.92
N PHE A 280 13.12 -10.63 -16.49
CA PHE A 280 12.92 -9.95 -15.22
C PHE A 280 12.10 -10.81 -14.25
N GLU A 281 11.94 -10.31 -13.03
CA GLU A 281 11.17 -10.99 -12.00
C GLU A 281 10.55 -9.95 -11.08
N TRP A 282 9.28 -10.17 -10.73
CA TRP A 282 8.51 -9.19 -9.97
C TRP A 282 7.70 -9.88 -8.89
N GLU A 283 8.05 -9.63 -7.63
CA GLU A 283 7.29 -10.18 -6.51
C GLU A 283 6.22 -9.21 -6.02
N THR A 284 4.97 -9.64 -6.11
CA THR A 284 3.83 -8.74 -5.98
C THR A 284 2.57 -9.39 -5.38
N PRO A 285 1.90 -8.67 -4.45
CA PRO A 285 0.61 -9.09 -3.88
C PRO A 285 -0.46 -9.36 -4.92
N VAL A 286 -0.53 -8.52 -5.95
CA VAL A 286 -1.62 -8.54 -6.93
C VAL A 286 -1.79 -9.89 -7.65
N VAL A 287 -0.73 -10.70 -7.64
CA VAL A 287 -0.73 -12.00 -8.32
C VAL A 287 -1.23 -13.12 -7.39
N CYS A 288 -1.30 -12.83 -6.10
CA CYS A 288 -1.74 -13.81 -5.11
C CYS A 288 -3.24 -14.05 -5.19
N PRO A 289 -3.65 -15.32 -5.06
CA PRO A 289 -5.07 -15.62 -4.95
C PRO A 289 -5.67 -14.96 -3.73
N ASP A 290 -6.88 -14.43 -3.87
CA ASP A 290 -7.62 -13.92 -2.71
C ASP A 290 -7.97 -15.10 -1.81
N GLU A 291 -7.58 -14.98 -0.54
CA GLU A 291 -7.65 -16.09 0.38
C GLU A 291 -8.79 -15.90 1.36
N VAL A 292 -9.76 -16.79 1.31
CA VAL A 292 -10.90 -16.77 2.24
C VAL A 292 -10.37 -16.95 3.66
N ARG A 293 -10.68 -15.99 4.52
CA ARG A 293 -10.06 -15.93 5.83
C ARG A 293 -10.35 -17.16 6.70
N MET A 294 -9.28 -17.73 7.24
CA MET A 294 -9.33 -18.92 8.09
C MET A 294 -10.55 -18.98 9.02
N ASP A 295 -10.74 -17.92 9.80
CA ASP A 295 -11.84 -17.88 10.76
C ASP A 295 -12.58 -16.54 10.69
N GLY A 296 -13.23 -16.32 9.54
CA GLY A 296 -14.09 -15.16 9.30
C GLY A 296 -13.62 -13.84 9.87
N CYS A 297 -14.51 -13.18 10.61
CA CYS A 297 -14.24 -11.88 11.20
C CYS A 297 -13.85 -12.03 12.68
N THR A 298 -13.14 -13.11 13.03
CA THR A 298 -12.73 -13.35 14.41
C THR A 298 -11.22 -13.49 14.57
N LEU A 299 -10.70 -12.86 15.63
CA LEU A 299 -9.28 -12.91 15.97
C LEU A 299 -9.01 -14.05 16.95
N THR A 300 -8.05 -14.89 16.61
CA THR A 300 -7.65 -16.00 17.46
C THR A 300 -6.13 -16.05 17.61
N ASP A 301 -5.67 -16.03 18.86
CA ASP A 301 -4.24 -16.14 19.14
C ASP A 301 -3.93 -17.34 20.03
N GLU A 302 -2.81 -17.99 19.72
CA GLU A 302 -2.29 -19.14 20.47
C GLU A 302 -2.05 -18.79 21.95
N GLN A 303 -1.61 -17.55 22.20
CA GLN A 303 -1.15 -17.13 23.51
C GLN A 303 -2.23 -16.91 24.57
N LEU A 304 -3.47 -16.70 24.12
CA LEU A 304 -4.58 -16.49 25.06
C LEU A 304 -5.72 -17.50 24.86
N LEU A 305 -5.74 -18.12 23.69
CA LEU A 305 -6.59 -19.28 23.37
C LEU A 305 -8.11 -19.04 23.39
N TYR A 306 -8.56 -17.98 24.06
CA TYR A 306 -9.90 -17.45 23.84
C TYR A 306 -9.84 -16.48 22.65
N SER A 307 -10.99 -15.96 22.22
CA SER A 307 -11.06 -15.19 20.98
C SER A 307 -12.12 -14.10 20.99
N PHE A 308 -11.97 -13.12 20.10
CA PHE A 308 -12.90 -12.01 19.97
C PHE A 308 -13.69 -12.12 18.67
N ASN A 309 -15.00 -11.85 18.76
CA ASN A 309 -15.87 -11.88 17.59
C ASN A 309 -16.23 -10.49 17.10
N LEU A 310 -15.55 -10.04 16.05
CA LEU A 310 -15.73 -8.68 15.52
C LEU A 310 -16.95 -8.50 14.61
N SER A 311 -17.71 -9.58 14.40
CA SER A 311 -18.82 -9.58 13.43
C SER A 311 -19.88 -8.53 13.72
N SER A 312 -20.27 -8.40 14.98
CA SER A 312 -21.23 -7.39 15.41
C SER A 312 -20.90 -5.98 14.91
N LEU A 313 -19.67 -5.78 14.46
CA LEU A 313 -19.24 -4.47 13.93
C LEU A 313 -19.39 -4.41 12.41
N SER A 314 -19.07 -5.52 11.76
CA SER A 314 -19.25 -5.72 10.32
C SER A 314 -20.62 -5.30 9.79
N THR A 315 -21.58 -5.20 10.70
CA THR A 315 -23.00 -4.97 10.40
C THR A 315 -23.27 -3.77 9.49
N SER A 316 -22.39 -2.78 9.53
CA SER A 316 -22.43 -1.64 8.61
C SER A 316 -21.11 -0.86 8.54
N THR A 317 -21.12 0.16 7.69
CA THR A 317 -19.99 1.06 7.51
C THR A 317 -20.06 2.23 8.49
N PHE A 318 -18.93 2.93 8.65
CA PHE A 318 -18.87 4.09 9.54
C PHE A 318 -18.15 5.25 8.85
N LYS A 319 -18.70 6.44 8.99
CA LYS A 319 -18.11 7.64 8.40
C LYS A 319 -17.33 8.43 9.45
N VAL A 320 -16.02 8.20 9.49
CA VAL A 320 -15.11 8.91 10.39
C VAL A 320 -14.54 10.13 9.65
N THR A 321 -14.31 11.22 10.37
CA THR A 321 -13.88 12.48 9.75
C THR A 321 -12.92 13.35 10.58
N ARG A 322 -11.85 13.83 9.95
CA ARG A 322 -11.01 14.86 10.56
C ARG A 322 -10.50 15.93 9.58
N ASP A 323 -10.59 17.20 9.99
CA ASP A 323 -10.20 18.37 9.17
C ASP A 323 -10.83 18.40 7.76
N SER A 324 -12.09 17.96 7.64
CA SER A 324 -12.74 17.84 6.32
C SER A 324 -12.40 16.59 5.50
N ARG A 325 -11.41 15.81 5.93
CA ARG A 325 -11.18 14.49 5.34
C ARG A 325 -12.15 13.51 5.99
N THR A 326 -12.99 12.89 5.18
CA THR A 326 -14.00 11.95 5.65
C THR A 326 -13.72 10.54 5.12
N TYR A 327 -13.48 9.59 6.03
CA TYR A 327 -13.26 8.22 5.64
C TYR A 327 -14.50 7.38 5.94
N SER A 328 -14.81 6.48 5.01
CA SER A 328 -15.80 5.44 5.25
C SER A 328 -15.04 4.17 5.59
N VAL A 329 -15.42 3.53 6.69
CA VAL A 329 -14.67 2.41 7.21
C VAL A 329 -15.59 1.23 7.42
N GLY A 330 -15.15 0.06 6.97
CA GLY A 330 -15.85 -1.19 7.21
C GLY A 330 -14.98 -2.19 7.96
N VAL A 331 -15.59 -2.96 8.85
CA VAL A 331 -14.90 -4.07 9.48
C VAL A 331 -15.42 -5.34 8.83
N CYS A 332 -14.56 -6.04 8.08
CA CYS A 332 -14.93 -7.29 7.39
C CYS A 332 -16.00 -7.12 6.31
N THR A 333 -16.24 -5.88 5.90
CA THR A 333 -17.13 -5.54 4.79
C THR A 333 -16.51 -4.35 4.09
N PHE A 334 -16.77 -4.23 2.81
CA PHE A 334 -16.26 -3.13 2.00
C PHE A 334 -16.63 -1.79 2.64
N ALA A 335 -15.75 -0.81 2.44
CA ALA A 335 -15.92 0.52 3.02
C ALA A 335 -17.12 1.25 2.45
N VAL A 336 -17.42 0.93 1.20
CA VAL A 336 -18.44 1.64 0.46
C VAL A 336 -19.28 0.61 -0.29
N GLY A 337 -20.59 0.65 -0.06
CA GLY A 337 -21.52 -0.19 -0.81
C GLY A 337 -21.65 0.22 -2.26
N PRO A 338 -22.61 -0.38 -2.99
CA PRO A 338 -22.80 -0.07 -4.42
C PRO A 338 -23.36 1.33 -4.70
N GLU A 339 -23.14 2.28 -3.79
CA GLU A 339 -23.80 3.60 -3.88
C GLU A 339 -22.83 4.76 -4.19
N GLN A 340 -21.91 5.06 -3.27
CA GLN A 340 -20.83 6.01 -3.56
C GLN A 340 -19.91 5.44 -4.67
N GLY A 341 -19.78 4.11 -4.69
CA GLY A 341 -19.06 3.37 -5.74
C GLY A 341 -17.62 3.77 -5.98
N GLY A 342 -16.97 4.33 -4.96
CA GLY A 342 -15.62 4.89 -5.09
C GLY A 342 -14.50 3.87 -5.04
N CYS A 343 -14.09 3.51 -3.82
CA CYS A 343 -12.96 2.61 -3.61
C CYS A 343 -13.32 1.17 -3.90
N LYS A 344 -13.12 0.75 -5.14
CA LYS A 344 -13.33 -0.64 -5.50
C LYS A 344 -12.51 -1.52 -4.56
N ASP A 345 -13.16 -2.54 -3.99
CA ASP A 345 -12.52 -3.50 -3.08
C ASP A 345 -12.15 -2.93 -1.71
N GLY A 346 -11.89 -1.62 -1.64
CA GLY A 346 -11.37 -0.98 -0.45
C GLY A 346 -12.16 -1.11 0.83
N GLY A 347 -11.46 -1.51 1.89
CA GLY A 347 -12.04 -1.67 3.22
C GLY A 347 -12.04 -0.40 4.05
N VAL A 348 -11.17 0.55 3.68
CA VAL A 348 -11.25 1.94 4.16
C VAL A 348 -11.10 2.84 2.94
N CYS A 349 -11.87 3.93 2.92
CA CYS A 349 -11.97 4.77 1.74
C CYS A 349 -12.04 6.27 2.08
N LEU A 350 -11.01 7.03 1.68
CA LEU A 350 -11.03 8.49 1.87
C LEU A 350 -11.93 9.13 0.83
N LEU A 351 -13.16 9.44 1.25
CA LEU A 351 -14.17 9.97 0.34
C LEU A 351 -13.78 11.38 -0.08
N SER A 352 -13.71 11.59 -1.39
CA SER A 352 -13.56 12.93 -1.92
C SER A 352 -14.67 13.20 -2.90
N GLY A 353 -15.86 12.66 -2.57
CA GLY A 353 -17.11 12.90 -3.29
C GLY A 353 -16.96 12.57 -4.75
N THR A 354 -16.35 13.53 -5.47
CA THR A 354 -15.95 13.39 -6.88
C THR A 354 -15.08 12.13 -7.12
N LYS A 355 -14.51 11.58 -6.05
CA LYS A 355 -13.73 10.34 -6.10
C LYS A 355 -13.69 9.56 -4.77
N GLY A 356 -12.74 8.63 -4.70
CA GLY A 356 -12.41 7.93 -3.48
C GLY A 356 -11.05 7.28 -3.62
N ALA A 357 -10.23 7.37 -2.58
CA ALA A 357 -8.95 6.68 -2.56
C ALA A 357 -9.04 5.49 -1.62
N SER A 358 -8.69 4.32 -2.13
CA SER A 358 -8.72 3.09 -1.35
C SER A 358 -7.49 3.05 -0.48
N PHE A 359 -7.72 2.85 0.83
CA PHE A 359 -6.63 2.77 1.78
C PHE A 359 -6.36 1.33 2.20
N GLY A 360 -6.56 0.40 1.28
CA GLY A 360 -6.33 -1.02 1.52
C GLY A 360 -7.49 -1.88 1.07
N ARG A 361 -7.17 -2.96 0.36
CA ARG A 361 -8.18 -3.91 -0.11
C ARG A 361 -8.77 -4.69 1.06
N LEU A 362 -10.09 -4.75 1.15
CA LEU A 362 -10.77 -5.53 2.18
C LEU A 362 -10.25 -6.97 2.22
N GLN A 363 -10.03 -7.54 1.04
CA GLN A 363 -9.57 -8.91 0.93
C GLN A 363 -8.23 -9.16 1.63
N SER A 364 -7.41 -8.12 1.75
CA SER A 364 -6.06 -8.24 2.30
C SER A 364 -6.01 -8.23 3.83
N MET A 365 -7.17 -7.99 4.44
CA MET A 365 -7.33 -7.88 5.89
C MET A 365 -6.49 -8.85 6.72
N LYS A 366 -5.86 -8.32 7.76
CA LYS A 366 -5.17 -9.14 8.75
C LYS A 366 -5.57 -8.70 10.14
N LEU A 367 -5.80 -9.68 11.03
CA LEU A 367 -6.11 -9.38 12.42
C LEU A 367 -5.04 -9.97 13.31
N ASP A 368 -4.39 -9.12 14.08
CA ASP A 368 -3.31 -9.55 14.96
C ASP A 368 -3.50 -8.97 16.34
N TYR A 369 -3.38 -9.82 17.35
CA TYR A 369 -3.45 -9.40 18.74
C TYR A 369 -2.15 -8.71 19.15
N ARG A 370 -2.29 -7.59 19.85
CA ARG A 370 -1.14 -6.82 20.31
C ARG A 370 -0.92 -7.07 21.80
N HIS A 371 -0.10 -8.09 22.08
CA HIS A 371 0.13 -8.61 23.43
C HIS A 371 0.50 -7.54 24.45
N GLN A 372 1.34 -6.61 24.01
CA GLN A 372 1.79 -5.47 24.82
C GLN A 372 0.66 -4.63 25.39
N ASP A 373 -0.49 -4.64 24.71
CA ASP A 373 -1.52 -3.62 24.92
C ASP A 373 -2.93 -4.19 25.13
N GLU A 374 -3.06 -5.51 25.08
CA GLU A 374 -4.37 -6.18 25.09
C GLU A 374 -5.28 -5.75 23.93
N ALA A 375 -4.71 -5.03 22.95
CA ALA A 375 -5.49 -4.50 21.83
C ALA A 375 -5.48 -5.41 20.61
N VAL A 376 -6.45 -5.20 19.72
CA VAL A 376 -6.59 -5.96 18.48
C VAL A 376 -6.37 -5.03 17.28
N VAL A 377 -5.53 -5.46 16.34
CA VAL A 377 -5.16 -4.62 15.21
C VAL A 377 -5.68 -5.20 13.88
N LEU A 378 -6.72 -4.58 13.34
CA LEU A 378 -7.15 -4.88 11.99
C LEU A 378 -6.30 -4.05 11.05
N SER A 379 -5.85 -4.65 9.95
CA SER A 379 -5.06 -3.93 8.96
C SER A 379 -5.43 -4.31 7.52
N TYR A 380 -5.86 -3.31 6.74
CA TYR A 380 -6.03 -3.47 5.29
C TYR A 380 -4.82 -2.90 4.57
N VAL A 381 -4.54 -3.40 3.38
CA VAL A 381 -3.28 -3.07 2.71
C VAL A 381 -3.44 -3.04 1.18
N ASN A 382 -2.51 -2.38 0.49
CA ASN A 382 -2.44 -2.40 -0.98
C ASN A 382 -3.56 -1.64 -1.72
N GLY A 383 -3.90 -0.47 -1.22
CA GLY A 383 -4.91 0.37 -1.87
C GLY A 383 -4.40 1.10 -3.11
N ASP A 384 -4.63 2.40 -3.15
CA ASP A 384 -4.14 3.21 -4.26
C ASP A 384 -2.79 3.77 -3.88
N ARG A 385 -1.94 4.06 -4.87
CA ARG A 385 -0.62 4.66 -4.63
C ARG A 385 -0.73 5.84 -3.68
N CYS A 386 0.31 6.03 -2.86
CA CYS A 386 0.38 7.18 -1.97
C CYS A 386 0.68 8.44 -2.79
N PRO A 387 0.32 9.63 -2.27
CA PRO A 387 0.52 10.82 -3.07
C PRO A 387 2.00 11.24 -3.12
N PRO A 388 2.37 12.01 -4.16
CA PRO A 388 3.74 12.51 -4.31
C PRO A 388 4.06 13.64 -3.35
N GLU A 389 5.35 13.83 -3.09
CA GLU A 389 5.83 15.02 -2.40
C GLU A 389 6.80 15.74 -3.35
N THR A 390 7.28 16.90 -2.94
CA THR A 390 8.28 17.61 -3.73
C THR A 390 9.66 16.99 -3.54
N ASP A 391 10.59 17.35 -4.43
CA ASP A 391 11.98 16.91 -4.35
C ASP A 391 12.55 17.20 -2.97
N ASP A 392 12.22 18.37 -2.45
CA ASP A 392 12.67 18.78 -1.13
C ASP A 392 11.79 18.25 0.02
N GLY A 393 10.87 17.34 -0.31
CA GLY A 393 10.11 16.60 0.70
C GLY A 393 8.96 17.30 1.40
N VAL A 394 8.45 18.38 0.80
CA VAL A 394 7.28 19.07 1.33
C VAL A 394 6.03 18.62 0.55
N PRO A 395 5.01 18.10 1.26
CA PRO A 395 3.88 17.43 0.61
C PRO A 395 3.05 18.29 -0.34
N CYS A 396 2.55 17.66 -1.40
CA CYS A 396 1.64 18.30 -2.34
C CYS A 396 0.28 18.53 -1.70
N VAL A 397 -0.42 19.55 -2.19
CA VAL A 397 -1.78 19.79 -1.76
C VAL A 397 -2.70 19.55 -2.94
N PHE A 398 -3.56 18.55 -2.79
CA PHE A 398 -4.63 18.30 -3.76
C PHE A 398 -6.00 18.57 -3.15
N PRO A 399 -6.88 19.27 -3.88
CA PRO A 399 -6.61 19.90 -5.18
C PRO A 399 -5.91 21.25 -5.04
N PHE A 400 -5.31 21.73 -6.12
CA PHE A 400 -4.74 23.08 -6.14
C PHE A 400 -5.18 23.87 -7.37
N ILE A 401 -5.24 25.19 -7.20
CA ILE A 401 -5.63 26.07 -8.30
C ILE A 401 -4.39 26.65 -8.97
N PHE A 402 -4.35 26.52 -10.29
CA PHE A 402 -3.29 27.05 -11.13
C PHE A 402 -3.93 27.51 -12.43
N ASN A 403 -3.64 28.76 -12.80
CA ASN A 403 -4.28 29.41 -13.94
C ASN A 403 -5.81 29.25 -13.90
N GLY A 404 -6.38 29.38 -12.71
CA GLY A 404 -7.82 29.37 -12.51
C GLY A 404 -8.49 28.03 -12.76
N LYS A 405 -7.71 26.96 -12.77
CA LYS A 405 -8.24 25.61 -12.91
C LYS A 405 -7.75 24.74 -11.75
N SER A 406 -8.62 23.85 -11.30
CA SER A 406 -8.33 22.96 -10.20
C SER A 406 -7.67 21.69 -10.69
N TYR A 407 -6.52 21.34 -10.10
CA TYR A 407 -5.80 20.11 -10.48
C TYR A 407 -5.65 19.15 -9.31
N GLU A 408 -5.69 17.85 -9.62
CA GLU A 408 -5.69 16.79 -8.61
C GLU A 408 -4.44 15.91 -8.64
N GLU A 409 -3.50 16.25 -9.51
CA GLU A 409 -2.31 15.42 -9.78
C GLU A 409 -1.14 16.30 -10.22
N CYS A 410 0.09 15.76 -10.25
CA CYS A 410 1.24 16.54 -10.73
C CYS A 410 1.06 16.87 -12.20
N ILE A 411 1.37 18.11 -12.56
CA ILE A 411 1.13 18.62 -13.91
C ILE A 411 2.43 18.98 -14.61
N ILE A 412 2.37 19.10 -15.93
CA ILE A 412 3.47 19.67 -16.71
C ILE A 412 2.96 20.86 -17.48
N GLU A 413 3.11 22.04 -16.90
CA GLU A 413 2.65 23.27 -17.51
C GLU A 413 3.65 24.34 -17.14
N SER A 414 4.12 25.07 -18.14
CA SER A 414 5.12 26.13 -17.93
C SER A 414 6.41 25.62 -17.28
N ARG A 415 6.64 24.30 -17.36
CA ARG A 415 7.80 23.66 -16.74
C ARG A 415 8.17 22.37 -17.49
N ALA A 416 9.40 21.91 -17.28
CA ALA A 416 9.94 20.78 -18.04
C ALA A 416 9.57 19.42 -17.44
N LYS A 417 9.53 19.36 -16.11
CA LYS A 417 9.28 18.12 -15.38
C LYS A 417 8.00 18.23 -14.58
N LEU A 418 7.39 17.08 -14.28
CA LEU A 418 6.17 17.01 -13.46
C LEU A 418 6.34 17.75 -12.14
N TRP A 419 5.38 18.62 -11.84
CA TRP A 419 5.43 19.41 -10.61
C TRP A 419 4.05 19.55 -9.94
N CYS A 420 4.05 19.90 -8.66
CA CYS A 420 2.81 20.10 -7.91
C CYS A 420 2.91 21.38 -7.06
N SER A 421 1.76 21.88 -6.63
CA SER A 421 1.71 22.99 -5.68
C SER A 421 1.76 22.45 -4.25
N THR A 422 2.16 23.29 -3.30
CA THR A 422 2.22 22.91 -1.91
C THR A 422 1.25 23.74 -1.06
N THR A 423 0.37 24.47 -1.74
CA THR A 423 -0.75 25.17 -1.12
C THR A 423 -1.98 24.87 -1.96
N ALA A 424 -3.16 25.12 -1.40
CA ALA A 424 -4.42 24.91 -2.12
C ALA A 424 -4.58 25.85 -3.31
N ASP A 425 -3.87 26.97 -3.30
CA ASP A 425 -3.99 27.97 -4.35
C ASP A 425 -2.61 28.47 -4.78
N TYR A 426 -2.06 27.87 -5.84
CA TYR A 426 -0.78 28.30 -6.39
C TYR A 426 -0.81 29.75 -6.83
N ASP A 427 -1.75 30.09 -7.71
CA ASP A 427 -1.97 31.46 -8.17
C ASP A 427 -1.76 32.49 -7.04
N ARG A 428 -2.21 32.15 -5.84
CA ARG A 428 -2.14 33.05 -4.69
C ARG A 428 -0.78 32.97 -3.97
N ASP A 429 -0.26 31.76 -3.84
CA ASP A 429 0.86 31.51 -2.94
C ASP A 429 2.19 31.20 -3.62
N HIS A 430 2.13 30.75 -4.87
CA HIS A 430 3.32 30.50 -5.70
C HIS A 430 4.38 29.61 -5.05
N GLU A 431 3.94 28.64 -4.26
CA GLU A 431 4.84 27.68 -3.70
C GLU A 431 4.59 26.32 -4.32
N TRP A 432 5.68 25.61 -4.62
CA TRP A 432 5.67 24.45 -5.49
C TRP A 432 7.04 23.78 -5.46
N GLY A 433 7.12 22.59 -6.04
CA GLY A 433 8.37 21.87 -6.19
C GLY A 433 8.15 20.72 -7.15
N PHE A 434 9.21 20.32 -7.84
CA PHE A 434 9.11 19.18 -8.75
C PHE A 434 8.70 17.95 -7.97
N CYS A 435 7.77 17.19 -8.54
CA CYS A 435 7.28 15.99 -7.88
C CYS A 435 8.35 14.91 -7.86
N ARG A 436 8.52 14.26 -6.70
CA ARG A 436 9.12 12.92 -6.64
C ARG A 436 8.02 11.98 -6.21
N HIS A 437 7.81 10.93 -6.97
CA HIS A 437 6.66 10.06 -6.73
C HIS A 437 6.88 8.95 -5.71
N SER A 438 5.79 8.53 -5.09
CA SER A 438 5.84 7.49 -4.09
C SER A 438 5.93 6.11 -4.74
N ASN A 439 6.19 5.11 -3.93
CA ASN A 439 6.23 3.74 -4.40
C ASN A 439 5.41 2.83 -3.50
N SER A 440 5.18 3.29 -2.28
CA SER A 440 4.23 2.63 -1.39
C SER A 440 2.80 2.90 -1.89
N TYR A 441 1.98 1.85 -1.89
CA TYR A 441 0.55 1.98 -2.08
C TYR A 441 -0.09 2.10 -0.67
N ARG A 442 -1.31 2.64 -0.60
CA ARG A 442 -1.88 3.05 0.71
C ARG A 442 -2.35 1.93 1.64
N THR A 443 -2.01 2.08 2.92
CA THR A 443 -2.42 1.17 3.97
C THR A 443 -3.37 1.85 4.95
N SER A 444 -4.16 1.05 5.67
CA SER A 444 -4.91 1.55 6.81
C SER A 444 -5.03 0.47 7.87
N SER A 445 -5.31 0.89 9.09
CA SER A 445 -5.53 -0.05 10.18
C SER A 445 -6.43 0.54 11.25
N ILE A 446 -7.27 -0.31 11.84
CA ILE A 446 -7.97 0.08 13.06
C ILE A 446 -7.30 -0.66 14.21
N ILE A 447 -7.00 0.07 15.28
CA ILE A 447 -6.60 -0.58 16.53
C ILE A 447 -7.79 -0.55 17.48
N PHE A 448 -8.24 -1.75 17.85
CA PHE A 448 -9.39 -1.92 18.72
C PHE A 448 -8.96 -2.00 20.18
N LYS A 449 -9.40 -1.02 20.96
CA LYS A 449 -9.12 -0.95 22.37
C LYS A 449 -10.37 -1.36 23.13
N CYS A 450 -10.19 -1.81 24.37
CA CYS A 450 -11.29 -2.35 25.17
C CYS A 450 -12.05 -1.31 26.02
N ASP A 451 -13.37 -1.36 25.95
CA ASP A 451 -14.26 -0.50 26.75
C ASP A 451 -15.62 -1.20 26.96
N GLU A 452 -15.89 -1.61 28.20
CA GLU A 452 -17.08 -2.41 28.51
C GLU A 452 -18.44 -1.81 28.11
N ASP A 453 -18.63 -0.50 28.31
CA ASP A 453 -19.92 0.11 27.96
C ASP A 453 -19.88 0.90 26.65
N GLU A 454 -19.29 0.27 25.65
CA GLU A 454 -19.44 0.68 24.27
C GLU A 454 -19.93 -0.54 23.54
N ASP A 455 -21.24 -0.74 23.58
CA ASP A 455 -21.89 -1.93 23.03
C ASP A 455 -21.25 -2.30 21.70
N ILE A 456 -21.46 -1.44 20.73
CA ILE A 456 -20.65 -1.37 19.53
C ILE A 456 -20.21 0.08 19.53
N GLY A 457 -18.92 0.31 19.38
CA GLY A 457 -18.36 1.66 19.52
C GLY A 457 -18.55 2.53 18.30
N ARG A 458 -17.55 3.39 18.07
CA ARG A 458 -17.48 4.23 16.88
C ARG A 458 -16.03 4.67 16.74
N PRO A 459 -15.41 4.38 15.58
CA PRO A 459 -14.00 4.68 15.40
C PRO A 459 -13.76 6.16 15.29
N GLN A 460 -12.55 6.58 15.66
CA GLN A 460 -12.08 7.93 15.44
C GLN A 460 -10.71 7.88 14.78
N VAL A 461 -10.28 8.99 14.19
CA VAL A 461 -8.99 9.03 13.50
C VAL A 461 -7.88 9.20 14.53
N PHE A 462 -6.89 8.31 14.47
CA PHE A 462 -5.80 8.34 15.46
C PHE A 462 -4.53 8.94 14.89
N SER A 463 -4.18 8.55 13.66
CA SER A 463 -2.99 9.06 13.00
C SER A 463 -3.13 8.97 11.48
N GLU A 464 -2.57 9.96 10.79
CA GLU A 464 -2.50 9.97 9.33
C GLU A 464 -1.11 10.46 8.94
N VAL A 465 -0.48 9.74 8.01
CA VAL A 465 0.88 10.04 7.60
C VAL A 465 0.94 10.21 6.09
N ARG A 466 1.23 11.44 5.66
CA ARG A 466 1.52 11.75 4.25
C ARG A 466 0.45 11.23 3.29
N GLY A 467 -0.80 11.21 3.74
CA GLY A 467 -1.92 10.68 2.97
C GLY A 467 -1.65 9.30 2.42
N CYS A 468 -0.91 8.49 3.18
CA CYS A 468 -0.47 7.18 2.72
C CYS A 468 -0.88 6.04 3.68
N ASP A 469 -1.06 6.40 4.95
CA ASP A 469 -1.66 5.50 5.95
C ASP A 469 -2.74 6.20 6.82
N VAL A 470 -3.74 5.43 7.24
CA VAL A 470 -4.67 5.88 8.27
C VAL A 470 -4.85 4.84 9.37
N THR A 471 -4.77 5.30 10.61
CA THR A 471 -5.03 4.45 11.75
C THR A 471 -6.16 5.06 12.55
N PHE A 472 -7.15 4.24 12.86
CA PHE A 472 -8.28 4.65 13.68
C PHE A 472 -8.16 3.96 15.04
N GLU A 473 -8.67 4.62 16.08
CA GLU A 473 -8.86 3.95 17.36
C GLU A 473 -10.35 3.69 17.55
N TRP A 474 -10.68 2.44 17.85
CA TRP A 474 -12.07 2.05 18.03
C TRP A 474 -12.20 1.38 19.39
N LYS A 475 -12.99 1.98 20.27
CA LYS A 475 -13.25 1.41 21.59
C LYS A 475 -14.59 0.68 21.62
N THR A 476 -14.56 -0.65 21.49
CA THR A 476 -15.78 -1.47 21.61
C THR A 476 -15.77 -2.32 22.87
N LYS A 477 -16.91 -2.95 23.15
CA LYS A 477 -16.99 -3.98 24.20
C LYS A 477 -16.45 -5.29 23.65
N VAL A 478 -16.62 -5.45 22.33
CA VAL A 478 -16.23 -6.64 21.59
C VAL A 478 -14.83 -7.21 21.90
N VAL A 479 -13.87 -6.34 22.25
CA VAL A 479 -12.49 -6.79 22.52
C VAL A 479 -12.07 -6.76 24.00
N CYS A 480 -12.93 -7.28 24.87
CA CYS A 480 -12.66 -7.26 26.31
C CYS A 480 -12.76 -8.62 26.99
N PRO A 481 -13.92 -9.30 26.81
CA PRO A 481 -14.63 -9.85 27.95
C PRO A 481 -14.49 -11.35 28.27
N PRO A 482 -13.36 -11.77 28.84
CA PRO A 482 -13.42 -12.87 29.75
C PRO A 482 -13.10 -12.45 31.20
N LYS A 483 -14.14 -12.24 32.01
CA LYS A 483 -13.97 -12.08 33.46
C LYS A 483 -14.20 -13.43 34.15
N LYS A 484 -14.48 -14.43 33.32
CA LYS A 484 -14.84 -15.77 33.74
C LYS A 484 -14.18 -16.70 32.73
N LEU A 485 -13.61 -17.80 33.20
CA LEU A 485 -12.84 -18.68 32.33
C LEU A 485 -13.03 -20.16 32.69
N GLU A 486 -12.70 -21.05 31.76
CA GLU A 486 -12.83 -22.49 32.01
C GLU A 486 -11.69 -23.04 32.86
N CYS A 487 -12.03 -23.96 33.75
CA CYS A 487 -11.02 -24.68 34.53
C CYS A 487 -11.03 -26.17 34.20
N LYS A 488 -11.41 -26.48 32.96
CA LYS A 488 -11.38 -27.83 32.46
C LYS A 488 -10.36 -27.82 31.31
N PHE A 489 -9.18 -28.37 31.59
CA PHE A 489 -8.10 -28.42 30.61
C PHE A 489 -7.50 -29.82 30.49
N VAL A 490 -6.69 -30.02 29.45
CA VAL A 490 -6.06 -31.32 29.22
C VAL A 490 -4.55 -31.18 28.95
N GLN A 491 -3.76 -32.02 29.62
CA GLN A 491 -2.32 -32.12 29.39
C GLN A 491 -1.92 -33.59 29.23
N LYS A 492 -1.31 -33.91 28.09
CA LYS A 492 -0.82 -35.26 27.78
C LYS A 492 -1.88 -36.35 28.04
N HIS A 493 -3.11 -36.08 27.59
CA HIS A 493 -4.27 -36.97 27.77
C HIS A 493 -4.65 -37.23 29.24
N LYS A 494 -4.73 -36.16 30.02
CA LYS A 494 -5.27 -36.20 31.38
C LYS A 494 -6.06 -34.92 31.65
N THR A 495 -7.31 -35.08 32.10
CA THR A 495 -8.23 -33.95 32.27
C THR A 495 -8.50 -33.59 33.74
N TYR A 496 -8.18 -32.34 34.08
CA TYR A 496 -8.30 -31.83 35.45
C TYR A 496 -9.39 -30.76 35.55
N ASP A 497 -10.16 -30.80 36.64
CA ASP A 497 -11.32 -29.93 36.79
C ASP A 497 -11.23 -29.07 38.05
N LEU A 498 -10.71 -27.86 37.89
CA LEU A 498 -10.46 -26.97 39.03
C LEU A 498 -11.70 -26.18 39.47
N ARG A 499 -12.82 -26.40 38.79
CA ARG A 499 -14.05 -25.66 39.05
C ARG A 499 -14.45 -25.67 40.51
N LEU A 500 -13.92 -26.65 41.24
CA LEU A 500 -14.16 -26.78 42.67
C LEU A 500 -13.66 -25.54 43.43
N LEU A 501 -12.50 -25.04 43.05
CA LEU A 501 -11.84 -23.93 43.75
C LEU A 501 -12.19 -22.53 43.22
N SER A 502 -12.88 -22.48 42.09
CA SER A 502 -13.28 -21.22 41.47
C SER A 502 -14.57 -20.73 42.12
N SER A 503 -14.45 -19.76 43.03
CA SER A 503 -15.61 -19.29 43.78
C SER A 503 -16.38 -18.21 43.04
N LEU A 504 -17.68 -18.43 42.87
CA LEU A 504 -18.56 -17.47 42.20
C LEU A 504 -19.00 -16.39 43.20
N THR A 505 -18.54 -16.52 44.44
CA THR A 505 -19.03 -15.69 45.54
C THR A 505 -17.94 -15.40 46.58
N GLY A 506 -17.23 -14.30 46.39
CA GLY A 506 -16.08 -13.96 47.25
C GLY A 506 -14.73 -14.41 46.70
N SER A 507 -13.86 -14.89 47.61
CA SER A 507 -12.52 -15.38 47.25
C SER A 507 -11.87 -16.14 48.41
N TRP A 508 -10.67 -16.64 48.17
CA TRP A 508 -9.86 -17.28 49.21
C TRP A 508 -8.83 -16.29 49.74
N SER A 509 -8.51 -16.40 51.02
CA SER A 509 -7.55 -15.51 51.62
C SER A 509 -6.58 -16.23 52.53
N LEU A 510 -5.28 -16.06 52.25
CA LEU A 510 -4.24 -16.44 53.19
C LEU A 510 -3.63 -15.19 53.79
N VAL A 511 -3.28 -15.28 55.07
CA VAL A 511 -2.53 -14.20 55.71
C VAL A 511 -1.11 -14.68 55.90
N HIS A 512 -0.17 -14.03 55.21
CA HIS A 512 1.24 -14.34 55.38
C HIS A 512 1.99 -13.11 55.88
N ASN A 513 2.54 -13.23 57.09
CA ASN A 513 3.30 -12.16 57.73
C ASN A 513 2.55 -10.83 57.82
N GLY A 514 1.31 -10.89 58.30
CA GLY A 514 0.47 -9.71 58.46
C GLY A 514 -0.08 -9.21 57.13
N VAL A 515 0.55 -9.64 56.05
CA VAL A 515 0.13 -9.25 54.71
C VAL A 515 -0.94 -10.23 54.24
N SER A 516 -2.12 -9.70 53.96
CA SER A 516 -3.24 -10.49 53.45
C SER A 516 -3.09 -10.72 51.95
N TYR A 517 -3.43 -11.92 51.51
CA TYR A 517 -3.48 -12.26 50.10
C TYR A 517 -4.87 -12.76 49.73
N TYR A 518 -5.41 -12.25 48.62
CA TYR A 518 -6.70 -12.71 48.13
C TYR A 518 -6.53 -13.33 46.76
N ILE A 519 -7.09 -14.54 46.60
CA ILE A 519 -6.82 -15.38 45.44
C ILE A 519 -8.08 -16.17 45.02
N ASN A 520 -8.46 -16.07 43.75
CA ASN A 520 -9.59 -16.84 43.18
C ASN A 520 -9.27 -17.40 41.80
N LEU A 521 -9.45 -18.71 41.63
CA LEU A 521 -9.15 -19.38 40.36
C LEU A 521 -10.23 -19.13 39.30
N CYS A 522 -9.77 -19.02 38.05
CA CYS A 522 -10.64 -18.87 36.87
C CYS A 522 -11.66 -17.74 36.92
N GLN A 523 -11.56 -16.87 37.92
CA GLN A 523 -12.62 -15.91 38.11
C GLN A 523 -12.19 -14.66 38.85
N LYS A 524 -12.86 -13.56 38.52
CA LYS A 524 -12.75 -12.32 39.23
C LYS A 524 -12.81 -12.58 40.74
N ILE A 525 -12.00 -11.85 41.49
CA ILE A 525 -12.18 -11.82 42.94
C ILE A 525 -13.46 -11.02 43.21
N TYR A 526 -14.36 -11.59 43.99
CA TYR A 526 -15.63 -10.93 44.32
C TYR A 526 -15.60 -10.34 45.72
N LYS A 527 -16.29 -9.22 45.88
CA LYS A 527 -16.22 -8.39 47.09
C LYS A 527 -14.78 -8.18 47.54
N GLY A 528 -13.95 -7.72 46.60
CA GLY A 528 -12.53 -7.52 46.85
C GLY A 528 -12.27 -6.20 47.55
N PRO A 529 -11.10 -6.09 48.22
CA PRO A 529 -10.71 -4.87 48.93
C PRO A 529 -10.54 -3.72 47.96
N LEU A 530 -10.91 -2.52 48.38
CA LEU A 530 -10.77 -1.33 47.55
C LEU A 530 -9.33 -1.21 47.06
N GLY A 531 -9.17 -1.20 45.75
CA GLY A 531 -7.83 -1.23 45.14
C GLY A 531 -7.67 -2.46 44.28
N CYS A 532 -8.25 -3.58 44.73
CA CYS A 532 -8.40 -4.76 43.90
C CYS A 532 -9.31 -4.32 42.77
N SER A 533 -8.74 -4.18 41.59
CA SER A 533 -9.51 -3.77 40.43
C SER A 533 -10.48 -4.89 40.07
N GLU A 534 -11.38 -4.62 39.12
CA GLU A 534 -12.11 -5.68 38.43
C GLU A 534 -11.07 -6.65 37.91
N ARG A 535 -11.47 -7.68 37.18
CA ARG A 535 -10.53 -8.54 36.44
C ARG A 535 -9.34 -9.08 37.26
N ALA A 536 -9.22 -8.64 38.51
CA ALA A 536 -8.10 -9.06 39.35
C ALA A 536 -8.31 -10.48 39.88
N SER A 537 -7.45 -11.39 39.47
CA SER A 537 -7.56 -12.80 39.85
C SER A 537 -6.89 -13.09 41.17
N ILE A 538 -5.81 -12.37 41.45
CA ILE A 538 -5.12 -12.48 42.73
C ILE A 538 -4.65 -11.10 43.18
N CYS A 539 -4.76 -10.88 44.50
CA CYS A 539 -4.68 -9.57 45.09
C CYS A 539 -3.75 -9.62 46.29
N ARG A 540 -3.28 -8.47 46.77
CA ARG A 540 -2.39 -8.42 47.95
C ARG A 540 -2.59 -7.11 48.71
N ARG A 541 -2.70 -7.20 50.04
CA ARG A 541 -2.99 -6.05 50.88
C ARG A 541 -2.04 -6.00 52.06
N THR A 542 -1.04 -5.12 51.97
CA THR A 542 -0.06 -4.96 53.03
C THR A 542 -0.74 -4.35 54.24
N THR A 543 -0.41 -4.88 55.42
CA THR A 543 -0.99 -4.38 56.67
C THR A 543 -0.83 -2.87 56.76
N THR A 544 -1.94 -2.17 56.52
CA THR A 544 -2.06 -0.69 56.53
C THR A 544 -1.60 0.03 55.25
N GLY A 545 -0.84 -0.66 54.40
CA GLY A 545 -0.48 -0.10 53.10
C GLY A 545 -1.59 -0.30 52.06
N ASP A 546 -1.37 0.24 50.87
CA ASP A 546 -2.29 0.07 49.74
C ASP A 546 -2.40 -1.40 49.35
N VAL A 547 -3.33 -1.71 48.45
CA VAL A 547 -3.45 -3.08 47.95
C VAL A 547 -2.87 -3.18 46.53
N GLN A 548 -2.43 -4.38 46.17
CA GLN A 548 -1.75 -4.62 44.90
C GLN A 548 -2.37 -5.78 44.14
N VAL A 549 -2.72 -5.54 42.89
CA VAL A 549 -3.17 -6.59 42.00
C VAL A 549 -1.95 -7.42 41.60
N LEU A 550 -2.04 -8.73 41.80
CA LEU A 550 -0.92 -9.62 41.50
C LEU A 550 -1.16 -10.46 40.24
N GLY A 551 -2.34 -10.31 39.64
CA GLY A 551 -2.68 -11.03 38.42
C GLY A 551 -4.10 -10.77 37.98
N LEU A 552 -4.37 -11.01 36.69
CA LEU A 552 -5.70 -10.82 36.12
C LEU A 552 -6.21 -12.14 35.56
N VAL A 553 -7.51 -12.34 35.66
CA VAL A 553 -8.13 -13.63 35.33
C VAL A 553 -7.98 -14.06 33.87
N HIS A 554 -8.06 -13.08 32.96
CA HIS A 554 -8.08 -13.36 31.53
C HIS A 554 -6.72 -13.79 30.97
N THR A 555 -5.67 -13.53 31.73
CA THR A 555 -4.31 -13.94 31.35
C THR A 555 -3.95 -15.29 31.98
N GLN A 556 -4.96 -16.11 32.22
CA GLN A 556 -4.81 -17.41 32.85
C GLN A 556 -4.04 -18.38 31.97
N LYS A 557 -3.10 -19.12 32.57
CA LYS A 557 -2.42 -20.19 31.87
C LYS A 557 -2.42 -21.43 32.74
N LEU A 558 -2.82 -22.56 32.16
CA LEU A 558 -2.95 -23.82 32.89
C LEU A 558 -1.96 -24.86 32.36
N GLY A 559 -1.43 -25.69 33.24
CA GLY A 559 -0.47 -26.71 32.82
C GLY A 559 -0.07 -27.71 33.88
N VAL A 560 0.62 -28.76 33.45
CA VAL A 560 1.13 -29.79 34.36
C VAL A 560 2.66 -29.80 34.31
N ILE A 561 3.28 -29.72 35.48
CA ILE A 561 4.70 -29.98 35.63
C ILE A 561 4.92 -31.06 36.69
N GLY A 562 5.42 -32.22 36.27
CA GLY A 562 5.68 -33.36 37.15
C GLY A 562 4.84 -33.48 38.41
N ASP A 563 3.68 -34.14 38.28
CA ASP A 563 2.76 -34.38 39.41
C ASP A 563 2.09 -33.12 40.01
N LYS A 564 2.55 -31.95 39.59
CA LYS A 564 1.96 -30.69 40.04
C LYS A 564 1.13 -30.04 38.93
N VAL A 565 -0.06 -29.57 39.28
CA VAL A 565 -0.90 -28.78 38.37
C VAL A 565 -0.61 -27.31 38.61
N VAL A 566 -0.11 -26.65 37.58
CA VAL A 566 0.29 -25.25 37.70
C VAL A 566 -0.73 -24.32 37.07
N VAL A 567 -0.94 -23.17 37.72
CA VAL A 567 -1.82 -22.13 37.21
C VAL A 567 -1.07 -20.81 37.31
N THR A 568 -1.11 -20.02 36.25
CA THR A 568 -0.35 -18.79 36.16
C THR A 568 -1.24 -17.56 35.87
N TYR A 569 -0.93 -16.46 36.54
CA TYR A 569 -1.53 -15.15 36.24
C TYR A 569 -0.48 -14.07 36.04
N SER A 570 -0.68 -13.25 35.01
CA SER A 570 0.25 -12.17 34.64
C SER A 570 -0.36 -10.78 34.84
N LYS A 571 0.43 -9.77 34.48
CA LYS A 571 0.00 -8.37 34.39
C LYS A 571 -0.56 -7.76 35.68
N GLY A 572 0.23 -7.85 36.74
CA GLY A 572 -0.08 -7.22 38.02
C GLY A 572 0.47 -5.82 38.12
N TYR A 573 0.87 -5.40 39.32
CA TYR A 573 1.33 -4.03 39.56
C TYR A 573 2.64 -3.74 38.84
N PRO A 574 2.89 -2.45 38.50
CA PRO A 574 4.17 -2.08 37.93
C PRO A 574 5.34 -2.44 38.85
N CYS A 575 6.26 -3.24 38.34
CA CYS A 575 7.38 -3.79 39.12
C CYS A 575 8.76 -3.26 38.67
N GLY A 576 8.80 -2.07 38.07
CA GLY A 576 10.04 -1.41 37.68
C GLY A 576 10.69 -2.01 36.44
N GLY A 577 11.01 -1.15 35.47
CA GLY A 577 11.62 -1.57 34.21
C GLY A 577 10.73 -2.48 33.39
N ASN A 578 9.58 -1.96 32.97
CA ASN A 578 8.51 -2.69 32.27
C ASN A 578 8.13 -4.07 32.82
N LYS A 579 8.62 -4.39 34.02
CA LYS A 579 8.21 -5.61 34.71
C LYS A 579 6.85 -5.36 35.37
N THR A 580 5.99 -6.38 35.35
CA THR A 580 4.72 -6.32 36.05
C THR A 580 4.54 -7.56 36.92
N ALA A 581 3.84 -7.40 38.03
CA ALA A 581 3.65 -8.50 38.98
C ALA A 581 3.01 -9.72 38.34
N SER A 582 3.37 -10.88 38.86
CA SER A 582 2.87 -12.14 38.35
C SER A 582 2.63 -13.10 39.51
N SER A 583 1.71 -14.03 39.31
CA SER A 583 1.43 -15.05 40.32
C SER A 583 1.38 -16.45 39.70
N VAL A 584 2.10 -17.37 40.32
CA VAL A 584 2.16 -18.76 39.88
C VAL A 584 1.76 -19.63 41.05
N ILE A 585 0.67 -20.35 40.87
CA ILE A 585 0.12 -21.20 41.91
C ILE A 585 0.27 -22.65 41.48
N GLU A 586 0.92 -23.43 42.33
CA GLU A 586 1.16 -24.85 42.06
C GLU A 586 0.38 -25.75 43.00
N LEU A 587 -0.16 -26.84 42.43
CA LEU A 587 -1.06 -27.73 43.15
C LEU A 587 -0.69 -29.20 43.04
N THR A 588 -0.18 -29.77 44.14
CA THR A 588 -0.05 -31.22 44.28
C THR A 588 -1.41 -31.79 44.66
N CYS A 589 -1.72 -32.98 44.17
CA CYS A 589 -2.98 -33.62 44.53
C CYS A 589 -2.97 -34.10 45.97
N THR A 590 -4.09 -33.87 46.66
CA THR A 590 -4.28 -34.37 48.01
C THR A 590 -5.68 -34.96 48.19
N LYS A 591 -6.03 -35.28 49.44
CA LYS A 591 -7.31 -35.87 49.79
C LYS A 591 -8.39 -34.80 50.02
N THR A 592 -7.99 -33.70 50.64
CA THR A 592 -8.89 -32.59 50.99
C THR A 592 -9.01 -31.53 49.88
N VAL A 593 -9.96 -30.61 50.05
CA VAL A 593 -10.08 -29.40 49.22
C VAL A 593 -9.38 -28.25 49.94
N GLY A 594 -8.05 -28.31 49.97
CA GLY A 594 -7.24 -27.52 50.90
C GLY A 594 -7.33 -26.00 50.83
N ARG A 595 -6.38 -25.36 51.50
CA ARG A 595 -6.25 -23.91 51.49
C ARG A 595 -4.94 -23.50 50.81
N PRO A 596 -4.92 -22.33 50.15
CA PRO A 596 -3.66 -21.87 49.56
C PRO A 596 -2.70 -21.26 50.58
N ALA A 597 -1.42 -21.59 50.45
CA ALA A 597 -0.37 -21.06 51.32
C ALA A 597 0.64 -20.29 50.47
N PHE A 598 1.43 -19.44 51.12
CA PHE A 598 2.47 -18.68 50.43
C PHE A 598 3.77 -19.50 50.39
N LYS A 599 4.44 -19.48 49.24
CA LYS A 599 5.73 -20.13 49.11
C LYS A 599 6.90 -19.14 49.08
N ARG A 600 7.07 -18.45 47.96
CA ARG A 600 8.15 -17.48 47.78
C ARG A 600 7.77 -16.35 46.85
N PHE A 601 8.60 -15.29 46.86
CA PHE A 601 8.48 -14.19 45.94
C PHE A 601 9.80 -14.01 45.20
N ASP A 602 9.87 -14.49 43.96
CA ASP A 602 11.08 -14.35 43.16
C ASP A 602 11.26 -12.88 42.79
N ILE A 603 12.35 -12.29 43.26
CA ILE A 603 12.60 -10.86 43.10
C ILE A 603 12.92 -10.49 41.64
N ASP A 604 13.74 -11.31 40.99
CA ASP A 604 14.22 -11.04 39.62
C ASP A 604 13.10 -11.07 38.58
N SER A 605 12.22 -12.06 38.68
CA SER A 605 11.09 -12.19 37.75
C SER A 605 9.87 -11.38 38.21
N CYS A 606 9.86 -10.97 39.48
CA CYS A 606 8.71 -10.34 40.14
C CYS A 606 7.48 -11.26 40.08
N THR A 607 7.63 -12.46 40.63
CA THR A 607 6.60 -13.48 40.58
C THR A 607 6.34 -14.10 41.97
N TYR A 608 5.06 -14.23 42.31
CA TYR A 608 4.65 -14.84 43.57
C TYR A 608 4.31 -16.31 43.38
N TYR A 609 4.89 -17.16 44.22
CA TYR A 609 4.65 -18.59 44.18
C TYR A 609 3.79 -19.04 45.37
N PHE A 610 2.64 -19.63 45.05
CA PHE A 610 1.70 -20.09 46.07
C PHE A 610 1.58 -21.61 46.07
N SER A 611 1.42 -22.18 47.26
CA SER A 611 1.22 -23.61 47.44
C SER A 611 -0.26 -23.92 47.64
N TRP A 612 -0.72 -24.98 46.99
CA TRP A 612 -2.08 -25.49 47.24
C TRP A 612 -2.13 -27.01 47.10
N ASP A 613 -2.40 -27.69 48.21
CA ASP A 613 -2.75 -29.12 48.20
C ASP A 613 -4.25 -29.23 47.97
N SER A 614 -4.66 -29.85 46.88
CA SER A 614 -6.09 -29.97 46.62
C SER A 614 -6.55 -31.22 45.88
N ARG A 615 -7.75 -31.66 46.24
CA ARG A 615 -8.51 -32.71 45.59
C ARG A 615 -8.74 -32.36 44.11
N ALA A 616 -8.72 -31.06 43.81
CA ALA A 616 -8.95 -30.54 42.47
C ALA A 616 -7.82 -30.87 41.50
N ALA A 617 -6.59 -31.00 42.03
CA ALA A 617 -5.41 -31.25 41.21
C ALA A 617 -5.25 -32.74 40.85
N CYS A 618 -6.37 -33.42 40.62
CA CYS A 618 -6.39 -34.87 40.52
C CYS A 618 -7.43 -35.37 39.51
N ALA A 619 -6.96 -35.78 38.33
CA ALA A 619 -7.83 -36.31 37.28
C ALA A 619 -8.47 -37.63 37.73
N VAL A 620 -9.75 -37.82 37.44
CA VAL A 620 -10.47 -39.06 37.79
C VAL A 620 -11.35 -39.55 36.62
N LYS A 621 -11.71 -40.84 36.64
CA LYS A 621 -12.65 -41.41 35.67
C LYS A 621 -13.34 -42.66 36.22
C1 NAG B . -20.16 -13.47 15.88
C2 NAG B . -20.28 -14.99 15.78
C3 NAG B . -21.12 -15.34 14.55
C4 NAG B . -22.47 -14.66 14.64
C5 NAG B . -22.23 -13.15 14.79
C6 NAG B . -23.49 -12.29 14.69
C7 NAG B . -18.42 -16.52 16.29
C8 NAG B . -18.47 -16.41 17.80
N2 NAG B . -18.96 -15.54 15.57
O3 NAG B . -21.30 -16.73 14.45
O4 NAG B . -23.19 -14.94 13.47
O5 NAG B . -21.45 -12.87 15.94
O6 NAG B . -23.43 -11.60 13.46
O7 NAG B . -17.86 -17.48 15.75
C1 NAG C . 12.07 -8.14 -36.07
C2 NAG C . 11.95 -7.45 -37.44
C3 NAG C . 10.53 -7.57 -38.00
C4 NAG C . 9.99 -8.99 -37.95
C5 NAG C . 10.19 -9.62 -36.56
C6 NAG C . 9.83 -11.12 -36.56
C7 NAG C . 11.71 -4.99 -37.71
C8 NAG C . 12.29 -4.22 -38.87
N2 NAG C . 12.41 -6.07 -37.32
O3 NAG C . 10.54 -7.14 -39.35
O4 NAG C . 8.61 -8.97 -38.28
O5 NAG C . 11.52 -9.45 -36.08
O6 NAG C . 10.43 -11.81 -35.49
O7 NAG C . 10.66 -4.63 -37.17
C1 NAG D . -6.13 -19.35 -9.77
C2 NAG D . -5.11 -19.12 -8.64
C3 NAG D . -4.83 -20.43 -7.91
C4 NAG D . -6.13 -21.06 -7.43
C5 NAG D . -7.13 -21.20 -8.60
C6 NAG D . -8.49 -21.66 -8.11
C7 NAG D . -3.37 -18.24 -10.21
C8 NAG D . -2.79 -16.87 -10.39
N2 NAG D . -3.84 -18.48 -8.98
O3 NAG D . -3.94 -20.22 -6.83
O4 NAG D . -5.85 -22.31 -6.86
O5 NAG D . -7.31 -19.95 -9.26
O6 NAG D . -9.15 -20.59 -7.47
O7 NAG D . -3.37 -19.05 -11.14
CL CL E . -5.40 14.52 -25.27
CL CL F . -25.95 -0.15 20.12
#